data_7MPU
#
_entry.id   7MPU
#
_cell.length_a   170.922
_cell.length_b   170.922
_cell.length_c   85.297
_cell.angle_alpha   90.000
_cell.angle_beta   90.000
_cell.angle_gamma   90.000
#
_symmetry.space_group_name_H-M   'I 41 2 2'
#
loop_
_entity.id
_entity.type
_entity.pdbx_description
1 polymer 'NanoRNase C'
2 polymer "5'-phosphorylated GG"
3 non-polymer 'SULFATE ION'
4 water water
#
loop_
_entity_poly.entity_id
_entity_poly.type
_entity_poly.pdbx_seq_one_letter_code
_entity_poly.pdbx_strand_id
1 'polypeptide(L)'
;SMTIRFHRNDLPNLDNYQVDAVAIDTETLGLNPHRDRLCVVQISPGDGTADVIQIEAGQKKAPNLVKLLKDRSITKIFHF
GRFDLAVLAHAFGTMPQPVFCTKIASKLTRTYTDRHGLKEICSELLDVSISKQQQSSDWAAEVLSQAQLEYAASDVLYLH
RLKAVLEQRLERDGRTKQAEACFKFLPTRSELDLMGWAESDIFAHS
;
A,B
2 'polyribonucleotide' GG D
#
loop_
_chem_comp.id
_chem_comp.type
_chem_comp.name
_chem_comp.formula
G RNA linking GUANOSINE-5'-MONOPHOSPHATE 'C10 H14 N5 O8 P'
SO4 non-polymer 'SULFATE ION' 'O4 S -2'
#
# COMPACT_ATOMS: atom_id res chain seq x y z
N SER A 1 11.03 11.06 -16.86
CA SER A 1 11.05 9.64 -16.59
C SER A 1 10.91 9.35 -15.09
N MET A 2 12.05 9.05 -14.45
CA MET A 2 12.05 8.78 -13.01
C MET A 2 11.61 10.01 -12.23
N THR A 3 10.73 9.81 -11.25
CA THR A 3 10.41 10.87 -10.29
C THR A 3 11.35 10.73 -9.11
N ILE A 4 12.32 11.64 -9.04
CA ILE A 4 13.36 11.65 -8.01
C ILE A 4 13.29 12.98 -7.29
N ARG A 5 13.21 12.94 -5.97
CA ARG A 5 13.31 14.14 -5.15
C ARG A 5 14.68 14.15 -4.49
N PHE A 6 15.50 15.16 -4.79
CA PHE A 6 16.83 15.27 -4.21
C PHE A 6 16.80 16.11 -2.94
N HIS A 7 17.56 15.67 -1.94
CA HIS A 7 17.65 16.36 -0.66
C HIS A 7 19.08 16.38 -0.16
N ARG A 8 19.40 17.41 0.62
CA ARG A 8 20.62 17.44 1.40
C ARG A 8 20.31 17.04 2.83
N ASN A 9 21.10 16.10 3.37
CA ASN A 9 21.15 15.72 4.79
C ASN A 9 20.00 14.83 5.25
N ASP A 10 18.76 15.15 4.90
CA ASP A 10 17.61 14.49 5.52
C ASP A 10 16.39 14.70 4.65
N LEU A 11 15.40 13.83 4.83
CA LEU A 11 14.07 14.13 4.31
C LEU A 11 13.57 15.42 4.95
N PRO A 12 12.81 16.25 4.21
CA PRO A 12 12.34 17.52 4.80
C PRO A 12 11.20 17.33 5.78
N ASN A 13 10.43 16.26 5.63
CA ASN A 13 9.31 15.90 6.48
C ASN A 13 8.93 14.47 6.10
N LEU A 14 7.88 13.95 6.74
CA LEU A 14 7.42 12.60 6.46
C LEU A 14 6.07 12.59 5.74
N ASP A 15 5.76 13.67 5.01
CA ASP A 15 4.46 13.77 4.35
C ASP A 15 4.24 12.66 3.34
N ASN A 16 5.31 12.21 2.67
CA ASN A 16 5.24 11.13 1.71
C ASN A 16 5.42 9.76 2.35
N TYR A 17 5.57 9.69 3.68
CA TYR A 17 5.94 8.46 4.35
C TYR A 17 4.92 8.05 5.41
N GLN A 18 3.63 8.29 5.13
CA GLN A 18 2.54 7.74 5.94
C GLN A 18 2.27 6.30 5.48
N VAL A 19 3.25 5.45 5.74
CA VAL A 19 3.33 4.11 5.17
C VAL A 19 3.74 3.12 6.26
N ASP A 20 3.56 1.83 5.96
CA ASP A 20 3.97 0.75 6.85
C ASP A 20 5.23 0.05 6.37
N ALA A 21 5.78 0.46 5.22
CA ALA A 21 7.00 -0.14 4.70
C ALA A 21 7.68 0.87 3.79
N VAL A 22 9.02 0.92 3.89
CA VAL A 22 9.84 1.77 3.04
C VAL A 22 10.92 0.90 2.39
N ALA A 23 11.39 1.32 1.23
CA ALA A 23 12.47 0.66 0.49
C ALA A 23 13.72 1.52 0.59
N ILE A 24 14.85 0.92 1.00
CA ILE A 24 16.06 1.69 1.33
C ILE A 24 17.28 1.02 0.71
N ASP A 25 18.19 1.85 0.19
CA ASP A 25 19.53 1.44 -0.22
C ASP A 25 20.46 2.59 0.16
N THR A 26 21.77 2.35 0.09
CA THR A 26 22.72 3.40 0.40
C THR A 26 23.85 3.39 -0.61
N GLU A 27 24.57 4.51 -0.68
CA GLU A 27 25.86 4.56 -1.36
C GLU A 27 26.92 5.00 -0.37
N THR A 28 28.12 4.45 -0.52
CA THR A 28 29.23 4.72 0.40
C THR A 28 30.51 4.88 -0.40
N LEU A 29 31.61 5.16 0.30
CA LEU A 29 32.90 5.20 -0.36
C LEU A 29 33.53 3.82 -0.51
N GLY A 30 32.82 2.76 -0.16
CA GLY A 30 33.37 1.42 -0.28
C GLY A 30 32.70 0.45 0.68
N LEU A 31 33.28 -0.74 0.76
CA LEU A 31 32.60 -1.85 1.42
C LEU A 31 32.98 -2.04 2.90
N ASN A 32 33.84 -1.17 3.47
CA ASN A 32 34.27 -1.26 4.86
C ASN A 32 33.56 -0.16 5.66
N PRO A 33 32.51 -0.48 6.42
CA PRO A 33 31.73 0.60 7.06
C PRO A 33 32.54 1.47 8.01
N HIS A 34 33.58 0.93 8.64
CA HIS A 34 34.37 1.76 9.54
C HIS A 34 35.26 2.74 8.80
N ARG A 35 35.70 2.41 7.58
CA ARG A 35 36.58 3.28 6.80
C ARG A 35 35.82 4.16 5.81
N ASP A 36 34.77 3.63 5.22
CA ASP A 36 34.14 4.19 4.03
C ASP A 36 32.79 4.80 4.40
N ARG A 37 32.72 6.13 4.40
CA ARG A 37 31.56 6.79 4.98
C ARG A 37 30.30 6.62 4.14
N LEU A 38 29.16 6.80 4.82
CA LEU A 38 27.86 6.91 4.15
C LEU A 38 27.84 8.20 3.32
N CYS A 39 27.41 8.09 2.06
CA CYS A 39 27.37 9.21 1.11
C CYS A 39 25.97 9.56 0.63
N VAL A 40 25.12 8.56 0.43
CA VAL A 40 23.77 8.73 -0.09
C VAL A 40 22.86 7.74 0.62
N VAL A 41 21.67 8.19 1.01
CA VAL A 41 20.57 7.30 1.38
C VAL A 41 19.48 7.50 0.34
N GLN A 42 19.04 6.41 -0.28
CA GLN A 42 17.93 6.46 -1.22
C GLN A 42 16.77 5.68 -0.62
N ILE A 43 15.57 6.24 -0.72
CA ILE A 43 14.44 5.67 0.00
C ILE A 43 13.18 5.93 -0.80
N SER A 44 12.26 4.95 -0.80
CA SER A 44 11.00 5.07 -1.53
C SER A 44 9.85 4.62 -0.64
N PRO A 45 8.72 5.34 -0.67
CA PRO A 45 7.54 4.89 0.05
C PRO A 45 6.72 3.85 -0.71
N GLY A 46 7.19 3.39 -1.87
CA GLY A 46 6.50 2.39 -2.64
C GLY A 46 5.59 2.90 -3.73
N ASP A 47 5.61 4.20 -4.02
CA ASP A 47 4.73 4.81 -5.01
C ASP A 47 5.39 5.01 -6.37
N GLY A 48 6.51 4.35 -6.63
CA GLY A 48 7.23 4.55 -7.87
C GLY A 48 8.06 5.80 -7.94
N THR A 49 8.29 6.46 -6.80
CA THR A 49 9.16 7.63 -6.72
C THR A 49 10.24 7.36 -5.69
N ALA A 50 11.32 8.13 -5.74
CA ALA A 50 12.41 7.95 -4.79
C ALA A 50 12.90 9.28 -4.26
N ASP A 51 13.26 9.29 -2.98
CA ASP A 51 14.01 10.37 -2.37
C ASP A 51 15.48 9.98 -2.34
N VAL A 52 16.34 10.86 -2.83
CA VAL A 52 17.78 10.59 -2.84
C VAL A 52 18.44 11.67 -1.99
N ILE A 53 19.06 11.24 -0.88
CA ILE A 53 19.52 12.15 0.17
C ILE A 53 21.03 12.12 0.20
N GLN A 54 21.66 13.26 -0.08
CA GLN A 54 23.11 13.36 -0.04
C GLN A 54 23.58 13.60 1.40
N ILE A 55 24.47 12.73 1.88
CA ILE A 55 24.95 12.76 3.27
C ILE A 55 26.34 13.39 3.30
N GLU A 56 26.55 14.34 4.21
CA GLU A 56 27.81 15.08 4.31
C GLU A 56 28.83 14.29 5.14
N ALA A 57 30.11 14.58 4.87
CA ALA A 57 31.16 14.01 5.71
C ALA A 57 31.03 14.56 7.12
N GLY A 58 31.09 13.67 8.11
CA GLY A 58 30.94 14.06 9.49
C GLY A 58 29.51 14.26 9.99
N GLN A 59 28.52 14.17 9.10
CA GLN A 59 27.13 14.34 9.50
C GLN A 59 26.65 13.11 10.25
N LYS A 60 26.17 13.28 11.48
CA LYS A 60 25.64 12.15 12.24
C LYS A 60 24.17 12.31 12.61
N LYS A 61 23.52 13.36 12.14
CA LYS A 61 22.09 13.58 12.38
C LYS A 61 21.32 13.57 11.07
N ALA A 62 20.14 12.94 11.09
CA ALA A 62 19.17 12.96 10.01
C ALA A 62 17.80 12.65 10.61
N PRO A 63 17.19 13.61 11.29
CA PRO A 63 16.10 13.29 12.22
C PRO A 63 14.88 12.63 11.60
N ASN A 64 14.46 13.09 10.42
CA ASN A 64 13.27 12.51 9.81
C ASN A 64 13.54 11.10 9.31
N LEU A 65 14.67 10.89 8.64
CA LEU A 65 15.05 9.54 8.23
C LEU A 65 15.18 8.63 9.44
N VAL A 66 15.83 9.11 10.51
CA VAL A 66 16.03 8.29 11.69
C VAL A 66 14.70 7.93 12.33
N LYS A 67 13.70 8.82 12.27
CA LYS A 67 12.38 8.45 12.78
C LYS A 67 11.81 7.24 12.05
N LEU A 68 11.98 7.19 10.72
CA LEU A 68 11.55 6.01 9.97
C LEU A 68 12.34 4.77 10.37
N LEU A 69 13.67 4.91 10.50
CA LEU A 69 14.52 3.77 10.86
C LEU A 69 14.12 3.20 12.22
N LYS A 70 13.78 4.05 13.18
CA LYS A 70 13.43 3.59 14.51
C LYS A 70 12.00 3.11 14.64
N ASP A 71 11.12 3.48 13.70
CA ASP A 71 9.68 3.22 13.84
C ASP A 71 9.41 1.74 13.67
N ARG A 72 9.08 1.06 14.78
CA ARG A 72 8.91 -0.39 14.73
C ARG A 72 7.67 -0.81 13.96
N SER A 73 6.79 0.14 13.62
CA SER A 73 5.62 -0.18 12.82
C SER A 73 5.90 -0.10 11.32
N ILE A 74 7.12 0.28 10.93
CA ILE A 74 7.47 0.43 9.53
C ILE A 74 8.55 -0.58 9.21
N THR A 75 8.26 -1.46 8.25
CA THR A 75 9.26 -2.43 7.82
C THR A 75 10.21 -1.76 6.84
N LYS A 76 11.51 -1.89 7.11
CA LYS A 76 12.54 -1.37 6.22
C LYS A 76 12.94 -2.49 5.25
N ILE A 77 12.65 -2.30 3.96
CA ILE A 77 12.93 -3.29 2.93
C ILE A 77 14.26 -2.97 2.27
N PHE A 78 15.14 -3.97 2.18
CA PHE A 78 16.44 -3.87 1.51
C PHE A 78 16.60 -5.04 0.55
N HIS A 79 17.46 -4.86 -0.45
CA HIS A 79 18.07 -6.00 -1.14
C HIS A 79 19.49 -6.17 -0.60
N PHE A 80 19.70 -7.23 0.18
CA PHE A 80 20.90 -7.46 0.98
C PHE A 80 21.09 -6.36 2.03
N GLY A 81 20.16 -6.35 2.97
CA GLY A 81 20.19 -5.39 4.05
C GLY A 81 21.35 -5.53 5.00
N ARG A 82 22.04 -6.68 4.98
CA ARG A 82 23.14 -6.89 5.92
C ARG A 82 24.16 -5.75 5.84
N PHE A 83 24.48 -5.29 4.63
CA PHE A 83 25.44 -4.20 4.49
C PHE A 83 24.82 -2.87 4.90
N ASP A 84 23.68 -2.51 4.30
CA ASP A 84 23.09 -1.20 4.55
C ASP A 84 22.73 -0.99 6.01
N LEU A 85 22.28 -2.06 6.68
CA LEU A 85 21.95 -1.92 8.10
C LEU A 85 23.18 -1.54 8.91
N ALA A 86 24.33 -2.16 8.60
CA ALA A 86 25.56 -1.79 9.30
C ALA A 86 25.94 -0.35 9.01
N VAL A 87 25.83 0.06 7.75
CA VAL A 87 26.20 1.43 7.37
C VAL A 87 25.29 2.42 8.08
N LEU A 88 23.99 2.15 8.08
CA LEU A 88 23.05 3.11 8.68
C LEU A 88 23.23 3.18 10.19
N ALA A 89 23.41 2.02 10.85
CA ALA A 89 23.63 2.03 12.28
C ALA A 89 24.91 2.78 12.64
N HIS A 90 25.97 2.56 11.86
CA HIS A 90 27.23 3.24 12.12
C HIS A 90 27.10 4.75 11.92
N ALA A 91 26.30 5.18 10.93
CA ALA A 91 26.19 6.59 10.63
C ALA A 91 25.33 7.34 11.65
N PHE A 92 24.21 6.76 12.05
CA PHE A 92 23.17 7.49 12.76
C PHE A 92 22.91 7.00 14.17
N GLY A 93 23.56 5.92 14.60
CA GLY A 93 23.50 5.52 15.99
C GLY A 93 22.35 4.62 16.37
N THR A 94 21.58 4.13 15.41
CA THR A 94 20.52 3.22 15.75
C THR A 94 20.41 2.15 14.67
N MET A 95 20.13 0.93 15.09
CA MET A 95 20.01 -0.19 14.16
C MET A 95 18.57 -0.26 13.66
N PRO A 96 18.32 -0.05 12.37
CA PRO A 96 16.94 -0.04 11.88
C PRO A 96 16.28 -1.40 12.05
N GLN A 97 15.00 -1.39 12.40
CA GLN A 97 14.21 -2.61 12.51
C GLN A 97 12.73 -2.22 12.59
N PRO A 98 11.81 -3.11 12.20
CA PRO A 98 12.08 -4.44 11.62
C PRO A 98 12.42 -4.35 10.15
N VAL A 99 12.86 -5.45 9.54
CA VAL A 99 13.37 -5.43 8.17
C VAL A 99 12.81 -6.60 7.37
N PHE A 100 12.92 -6.44 6.05
CA PHE A 100 12.66 -7.50 5.09
C PHE A 100 13.79 -7.41 4.08
N CYS A 101 14.44 -8.53 3.78
CA CYS A 101 15.54 -8.54 2.82
C CYS A 101 15.14 -9.38 1.62
N THR A 102 15.08 -8.73 0.44
CA THR A 102 14.71 -9.46 -0.76
C THR A 102 15.79 -10.43 -1.24
N LYS A 103 17.05 -10.25 -0.80
CA LYS A 103 18.07 -11.22 -1.20
C LYS A 103 17.97 -12.50 -0.37
N ILE A 104 17.82 -12.38 0.94
CA ILE A 104 17.54 -13.57 1.75
C ILE A 104 16.27 -14.26 1.24
N ALA A 105 15.23 -13.49 0.96
CA ALA A 105 13.99 -14.11 0.47
C ALA A 105 14.23 -14.83 -0.86
N SER A 106 15.02 -14.21 -1.75
CA SER A 106 15.38 -14.88 -2.99
C SER A 106 16.13 -16.19 -2.71
N LYS A 107 17.09 -16.16 -1.79
CA LYS A 107 17.84 -17.39 -1.53
C LYS A 107 16.95 -18.51 -0.98
N LEU A 108 15.88 -18.16 -0.28
CA LEU A 108 14.98 -19.15 0.29
C LEU A 108 13.88 -19.59 -0.67
N THR A 109 13.79 -19.00 -1.87
CA THR A 109 12.71 -19.34 -2.79
C THR A 109 13.25 -19.72 -4.17
N ARG A 110 14.19 -18.92 -4.68
CA ARG A 110 14.71 -19.13 -6.03
C ARG A 110 15.87 -20.11 -5.97
N THR A 111 15.54 -21.35 -5.58
CA THR A 111 16.52 -22.39 -5.34
C THR A 111 17.03 -23.01 -6.64
N TYR A 112 16.47 -22.59 -7.77
CA TYR A 112 16.82 -23.07 -9.09
C TYR A 112 17.88 -22.21 -9.76
N THR A 113 18.46 -21.27 -9.03
CA THR A 113 19.47 -20.39 -9.58
C THR A 113 20.47 -20.02 -8.48
N ASP A 114 21.66 -19.62 -8.90
CA ASP A 114 22.63 -19.05 -7.99
C ASP A 114 22.80 -17.54 -8.19
N ARG A 115 21.93 -16.92 -9.00
CA ARG A 115 21.97 -15.48 -9.27
C ARG A 115 20.86 -14.80 -8.48
N HIS A 116 21.24 -14.08 -7.42
CA HIS A 116 20.28 -13.43 -6.54
C HIS A 116 20.46 -11.92 -6.51
N GLY A 117 21.07 -11.35 -7.55
CA GLY A 117 21.26 -9.91 -7.63
C GLY A 117 19.96 -9.18 -7.91
N LEU A 118 19.96 -7.89 -7.61
CA LEU A 118 18.74 -7.09 -7.80
C LEU A 118 18.31 -7.06 -9.26
N LYS A 119 19.25 -6.83 -10.18
CA LYS A 119 18.91 -6.82 -11.60
C LYS A 119 18.26 -8.13 -12.01
N GLU A 120 18.83 -9.25 -11.58
CA GLU A 120 18.30 -10.57 -11.93
C GLU A 120 16.87 -10.75 -11.44
N ILE A 121 16.60 -10.45 -10.16
CA ILE A 121 15.26 -10.74 -9.65
C ILE A 121 14.25 -9.74 -10.18
N CYS A 122 14.66 -8.49 -10.46
CA CYS A 122 13.74 -7.56 -11.08
C CYS A 122 13.30 -8.07 -12.45
N SER A 123 14.24 -8.62 -13.20
CA SER A 123 13.92 -9.14 -14.52
C SER A 123 13.00 -10.35 -14.42
N GLU A 124 13.35 -11.31 -13.57
CA GLU A 124 12.60 -12.56 -13.50
C GLU A 124 11.23 -12.35 -12.88
N LEU A 125 11.16 -11.62 -11.77
CA LEU A 125 9.92 -11.55 -11.00
C LEU A 125 8.99 -10.43 -11.46
N LEU A 126 9.54 -9.34 -12.01
CA LEU A 126 8.73 -8.19 -12.37
C LEU A 126 8.74 -7.85 -13.85
N ASP A 127 9.57 -8.51 -14.65
CA ASP A 127 9.80 -8.10 -16.04
C ASP A 127 10.21 -6.63 -16.10
N VAL A 128 11.04 -6.23 -15.13
CA VAL A 128 11.56 -4.87 -15.02
C VAL A 128 13.06 -4.92 -15.33
N SER A 129 13.51 -4.04 -16.22
CA SER A 129 14.91 -3.98 -16.63
CA SER A 129 14.91 -3.98 -16.63
C SER A 129 15.57 -2.77 -15.98
N ILE A 130 16.53 -3.02 -15.09
CA ILE A 130 17.31 -1.97 -14.48
C ILE A 130 18.75 -2.08 -14.98
N SER A 131 19.46 -0.97 -14.98
CA SER A 131 20.78 -0.87 -15.59
C SER A 131 21.84 -0.73 -14.50
N LYS A 132 22.71 -1.74 -14.38
CA LYS A 132 23.83 -1.65 -13.46
C LYS A 132 24.84 -0.61 -13.94
N GLN A 133 25.53 0.02 -13.00
CA GLN A 133 26.49 1.08 -13.31
C GLN A 133 27.83 0.50 -13.75
N SER A 136 31.69 1.36 -10.73
CA SER A 136 32.00 2.02 -9.45
C SER A 136 32.37 3.49 -9.66
N SER A 137 31.95 4.35 -8.73
CA SER A 137 32.17 5.78 -8.86
C SER A 137 32.37 6.39 -7.48
N ASP A 138 32.78 7.66 -7.48
CA ASP A 138 33.00 8.43 -6.24
C ASP A 138 31.67 8.98 -5.76
N TRP A 139 31.07 8.32 -4.78
CA TRP A 139 29.79 8.80 -4.27
C TRP A 139 29.93 9.94 -3.27
N ALA A 140 31.16 10.29 -2.88
CA ALA A 140 31.42 11.41 -1.99
C ALA A 140 31.61 12.72 -2.75
N ALA A 141 31.38 12.72 -4.06
CA ALA A 141 31.59 13.94 -4.85
C ALA A 141 30.65 15.04 -4.38
N GLU A 142 31.13 16.29 -4.40
CA GLU A 142 30.30 17.43 -4.04
C GLU A 142 29.00 17.44 -4.82
N VAL A 143 29.07 17.17 -6.12
CA VAL A 143 27.92 17.24 -7.01
C VAL A 143 27.70 15.86 -7.60
N LEU A 144 26.56 15.25 -7.27
CA LEU A 144 26.20 13.98 -7.87
C LEU A 144 25.60 14.20 -9.25
N SER A 145 25.97 13.33 -10.18
CA SER A 145 25.46 13.45 -11.54
C SER A 145 24.01 13.02 -11.60
N GLN A 146 23.33 13.42 -12.68
CA GLN A 146 21.98 12.92 -12.91
C GLN A 146 21.99 11.40 -13.07
N ALA A 147 22.99 10.87 -13.77
CA ALA A 147 23.13 9.42 -13.90
C ALA A 147 23.27 8.77 -12.53
N GLN A 148 24.05 9.38 -11.63
CA GLN A 148 24.19 8.82 -10.29
C GLN A 148 22.88 8.86 -9.52
N LEU A 149 22.14 9.96 -9.61
CA LEU A 149 20.85 10.02 -8.93
C LEU A 149 19.89 8.96 -9.46
N GLU A 150 19.89 8.74 -10.78
CA GLU A 150 19.00 7.76 -11.35
C GLU A 150 19.42 6.34 -10.99
N TYR A 151 20.73 6.09 -10.94
CA TYR A 151 21.22 4.78 -10.51
C TYR A 151 20.80 4.50 -9.06
N ALA A 152 20.96 5.50 -8.19
CA ALA A 152 20.61 5.33 -6.78
C ALA A 152 19.11 5.11 -6.64
N ALA A 153 18.31 5.89 -7.35
CA ALA A 153 16.85 5.76 -7.24
C ALA A 153 16.37 4.40 -7.71
N SER A 154 16.95 3.86 -8.79
CA SER A 154 16.49 2.57 -9.29
C SER A 154 16.66 1.46 -8.26
N ASP A 155 17.57 1.60 -7.32
CA ASP A 155 17.78 0.60 -6.29
C ASP A 155 16.58 0.46 -5.34
N VAL A 156 15.72 1.47 -5.25
CA VAL A 156 14.63 1.41 -4.28
C VAL A 156 13.26 1.46 -4.93
N LEU A 157 13.18 1.65 -6.26
CA LEU A 157 11.87 1.81 -6.89
C LEU A 157 11.04 0.53 -6.89
N TYR A 158 11.66 -0.64 -6.76
CA TYR A 158 10.97 -1.91 -7.01
C TYR A 158 10.93 -2.85 -5.82
N LEU A 159 11.51 -2.47 -4.67
CA LEU A 159 11.59 -3.42 -3.55
C LEU A 159 10.24 -3.76 -2.95
N HIS A 160 9.28 -2.82 -2.91
CA HIS A 160 7.94 -3.16 -2.43
C HIS A 160 7.32 -4.24 -3.32
N ARG A 161 7.47 -4.10 -4.64
CA ARG A 161 6.88 -5.06 -5.56
C ARG A 161 7.57 -6.41 -5.45
N LEU A 162 8.90 -6.40 -5.30
CA LEU A 162 9.64 -7.65 -5.07
C LEU A 162 9.20 -8.33 -3.79
N LYS A 163 9.02 -7.57 -2.72
CA LYS A 163 8.57 -8.16 -1.46
C LYS A 163 7.23 -8.87 -1.63
N ALA A 164 6.30 -8.26 -2.37
CA ALA A 164 4.99 -8.89 -2.53
C ALA A 164 5.10 -10.24 -3.23
N VAL A 165 5.90 -10.30 -4.30
CA VAL A 165 6.11 -11.56 -5.02
C VAL A 165 6.82 -12.57 -4.14
N LEU A 166 7.90 -12.14 -3.48
CA LEU A 166 8.69 -13.08 -2.68
C LEU A 166 7.92 -13.61 -1.48
N GLU A 167 7.07 -12.79 -0.85
CA GLU A 167 6.23 -13.28 0.24
C GLU A 167 5.31 -14.40 -0.23
N GLN A 168 4.73 -14.23 -1.42
CA GLN A 168 3.84 -15.28 -1.92
CA GLN A 168 3.85 -15.27 -1.97
C GLN A 168 4.63 -16.53 -2.28
N ARG A 169 5.85 -16.38 -2.82
CA ARG A 169 6.67 -17.54 -3.11
CA ARG A 169 6.69 -17.53 -3.11
C ARG A 169 7.10 -18.25 -1.82
N LEU A 170 7.41 -17.49 -0.77
CA LEU A 170 7.76 -18.12 0.51
C LEU A 170 6.60 -18.94 1.05
N GLU A 171 5.37 -18.44 0.88
CA GLU A 171 4.22 -19.22 1.33
C GLU A 171 4.02 -20.46 0.47
N ARG A 172 4.14 -20.32 -0.85
CA ARG A 172 3.98 -21.46 -1.74
C ARG A 172 4.96 -22.56 -1.40
N ASP A 173 6.21 -22.20 -1.13
CA ASP A 173 7.25 -23.20 -0.92
C ASP A 173 7.46 -23.52 0.57
N GLY A 174 6.66 -22.95 1.46
CA GLY A 174 6.59 -23.39 2.84
C GLY A 174 7.68 -22.88 3.75
N ARG A 175 8.18 -21.66 3.53
CA ARG A 175 9.35 -21.19 4.26
C ARG A 175 9.12 -19.82 4.90
N THR A 176 7.85 -19.40 5.03
CA THR A 176 7.57 -18.09 5.59
C THR A 176 8.16 -17.94 7.00
N LYS A 177 7.97 -18.96 7.85
CA LYS A 177 8.42 -18.83 9.23
CA LYS A 177 8.43 -18.86 9.24
C LYS A 177 9.94 -18.72 9.32
N GLN A 178 10.66 -19.48 8.49
CA GLN A 178 12.11 -19.41 8.55
C GLN A 178 12.62 -18.08 8.01
N ALA A 179 11.99 -17.57 6.94
CA ALA A 179 12.36 -16.24 6.44
C ALA A 179 12.16 -15.18 7.52
N GLU A 180 11.01 -15.21 8.21
CA GLU A 180 10.77 -14.18 9.21
CA GLU A 180 10.75 -14.19 9.23
C GLU A 180 11.80 -14.24 10.33
N ALA A 181 12.24 -15.45 10.71
CA ALA A 181 13.29 -15.55 11.72
C ALA A 181 14.61 -15.00 11.20
N CYS A 182 14.89 -15.20 9.92
CA CYS A 182 16.08 -14.61 9.31
C CYS A 182 16.01 -13.09 9.37
N PHE A 183 14.84 -12.52 9.09
CA PHE A 183 14.70 -11.07 9.14
C PHE A 183 14.82 -10.56 10.56
N LYS A 184 14.29 -11.31 11.53
CA LYS A 184 14.43 -10.89 12.92
C LYS A 184 15.89 -10.87 13.35
N PHE A 185 16.68 -11.84 12.89
CA PHE A 185 18.09 -11.91 13.26
C PHE A 185 18.96 -10.93 12.47
N LEU A 186 18.54 -10.51 11.27
CA LEU A 186 19.43 -9.75 10.40
C LEU A 186 20.01 -8.50 11.07
N PRO A 187 19.26 -7.71 11.83
CA PRO A 187 19.92 -6.58 12.53
C PRO A 187 21.07 -7.01 13.43
N THR A 188 20.96 -8.14 14.15
CA THR A 188 22.07 -8.63 14.95
C THR A 188 23.23 -9.08 14.06
N ARG A 189 22.93 -9.71 12.92
CA ARG A 189 24.00 -10.07 12.01
C ARG A 189 24.81 -8.84 11.61
N SER A 190 24.12 -7.72 11.36
CA SER A 190 24.82 -6.49 11.00
C SER A 190 25.56 -5.91 12.19
N GLU A 191 24.97 -6.00 13.39
CA GLU A 191 25.68 -5.56 14.59
C GLU A 191 26.97 -6.35 14.78
N LEU A 192 26.91 -7.67 14.60
CA LEU A 192 28.10 -8.49 14.73
C LEU A 192 29.16 -8.11 13.71
N ASP A 193 28.73 -7.73 12.49
CA ASP A 193 29.69 -7.24 11.50
C ASP A 193 30.42 -6.00 12.01
N LEU A 194 29.66 -5.02 12.52
CA LEU A 194 30.28 -3.82 13.06
C LEU A 194 31.17 -4.12 14.27
N MET A 195 30.80 -5.14 15.06
CA MET A 195 31.56 -5.46 16.27
C MET A 195 32.86 -6.19 15.98
N GLY A 196 33.01 -6.79 14.81
CA GLY A 196 34.28 -7.40 14.47
C GLY A 196 34.18 -8.81 13.90
N TRP A 197 32.98 -9.28 13.59
CA TRP A 197 32.81 -10.62 13.04
C TRP A 197 32.35 -10.59 11.58
N ALA A 198 32.69 -9.53 10.84
CA ALA A 198 32.19 -9.40 9.48
C ALA A 198 32.64 -10.55 8.58
N GLU A 199 33.78 -11.17 8.89
CA GLU A 199 34.31 -12.26 8.08
C GLU A 199 33.97 -13.65 8.64
N SER A 200 33.10 -13.75 9.62
CA SER A 200 32.83 -15.02 10.30
C SER A 200 31.35 -15.36 10.28
N ASP A 201 31.03 -16.60 9.93
CA ASP A 201 29.69 -17.15 10.12
C ASP A 201 29.60 -17.62 11.57
N ILE A 202 28.88 -16.87 12.40
CA ILE A 202 28.84 -17.15 13.83
C ILE A 202 28.20 -18.51 14.12
N PHE A 203 27.44 -19.06 13.18
CA PHE A 203 26.78 -20.36 13.36
C PHE A 203 27.60 -21.54 12.85
N ALA A 204 28.75 -21.31 12.26
CA ALA A 204 29.56 -22.41 11.77
C ALA A 204 30.20 -23.20 12.90
N HIS A 205 30.44 -24.49 12.66
CA HIS A 205 31.13 -25.30 13.64
C HIS A 205 32.58 -24.85 13.83
N SER A 206 33.25 -24.48 12.75
CA SER A 206 34.61 -23.97 12.85
C SER A 206 34.94 -23.11 11.65
N SER B 1 1.33 13.05 -4.34
CA SER B 1 0.48 12.09 -5.05
C SER B 1 -0.13 11.09 -4.08
N MET B 2 -0.74 10.03 -4.59
CA MET B 2 -1.44 9.08 -3.74
C MET B 2 -0.47 8.13 -3.04
N THR B 3 -0.76 7.88 -1.78
CA THR B 3 -0.01 6.93 -0.95
C THR B 3 -0.86 5.67 -0.82
N ILE B 4 -0.30 4.53 -1.21
CA ILE B 4 -0.97 3.24 -1.06
C ILE B 4 -0.19 2.40 -0.05
N ARG B 5 -0.91 1.86 0.93
CA ARG B 5 -0.38 0.88 1.87
C ARG B 5 -1.02 -0.47 1.54
N PHE B 6 -0.21 -1.43 1.12
CA PHE B 6 -0.73 -2.75 0.79
C PHE B 6 -0.68 -3.65 2.02
N HIS B 7 -1.75 -4.42 2.22
CA HIS B 7 -1.84 -5.36 3.34
C HIS B 7 -2.41 -6.67 2.86
N ARG B 8 -2.13 -7.72 3.63
CA ARG B 8 -2.79 -9.01 3.47
C ARG B 8 -3.76 -9.19 4.62
N ASN B 9 -4.99 -9.60 4.28
CA ASN B 9 -6.04 -10.04 5.20
C ASN B 9 -6.76 -8.92 5.94
N ASP B 10 -6.02 -7.97 6.53
CA ASP B 10 -6.66 -7.00 7.42
C ASP B 10 -5.75 -5.79 7.56
N LEU B 11 -6.34 -4.68 7.99
CA LEU B 11 -5.54 -3.59 8.52
C LEU B 11 -4.73 -4.09 9.71
N PRO B 12 -3.50 -3.60 9.88
CA PRO B 12 -2.70 -4.05 11.04
C PRO B 12 -3.20 -3.49 12.36
N ASN B 13 -3.85 -2.34 12.31
CA ASN B 13 -4.39 -1.61 13.46
C ASN B 13 -5.21 -0.45 12.89
N LEU B 14 -5.82 0.33 13.78
CA LEU B 14 -6.63 1.46 13.37
C LEU B 14 -5.97 2.80 13.65
N ASP B 15 -4.63 2.84 13.67
CA ASP B 15 -3.93 4.09 14.00
C ASP B 15 -4.20 5.20 12.99
N ASN B 16 -4.49 4.85 11.75
CA ASN B 16 -4.80 5.84 10.72
C ASN B 16 -6.28 6.15 10.61
N TYR B 17 -7.11 5.61 11.50
CA TYR B 17 -8.56 5.66 11.34
C TYR B 17 -9.24 6.26 12.57
N GLN B 18 -8.59 7.25 13.17
CA GLN B 18 -9.23 8.08 14.19
C GLN B 18 -9.98 9.21 13.48
N VAL B 19 -11.03 8.82 12.76
CA VAL B 19 -11.78 9.70 11.88
C VAL B 19 -13.27 9.45 12.05
N ASP B 20 -14.07 10.39 11.55
CA ASP B 20 -15.53 10.29 11.64
C ASP B 20 -16.17 9.62 10.43
N ALA B 21 -15.41 9.39 9.36
CA ALA B 21 -15.94 8.76 8.17
C ALA B 21 -14.79 8.11 7.43
N VAL B 22 -15.05 6.95 6.80
CA VAL B 22 -14.07 6.22 6.01
C VAL B 22 -14.68 5.96 4.65
N ALA B 23 -13.83 5.87 3.64
CA ALA B 23 -14.25 5.54 2.28
C ALA B 23 -13.88 4.10 1.98
N ILE B 24 -14.83 3.32 1.48
CA ILE B 24 -14.61 1.89 1.29
C ILE B 24 -15.08 1.47 -0.09
N ASP B 25 -14.35 0.51 -0.68
CA ASP B 25 -14.78 -0.13 -1.92
C ASP B 25 -14.26 -1.56 -1.87
N THR B 26 -14.75 -2.41 -2.78
CA THR B 26 -14.27 -3.80 -2.79
C THR B 26 -14.05 -4.25 -4.22
N GLU B 27 -13.15 -5.23 -4.38
CA GLU B 27 -13.01 -5.94 -5.65
C GLU B 27 -13.33 -7.41 -5.43
N THR B 28 -13.96 -8.02 -6.43
CA THR B 28 -14.45 -9.39 -6.34
C THR B 28 -14.16 -10.11 -7.65
N LEU B 29 -14.55 -11.38 -7.71
CA LEU B 29 -14.48 -12.07 -8.99
C LEU B 29 -15.73 -11.84 -9.86
N GLY B 30 -16.61 -10.94 -9.49
CA GLY B 30 -17.75 -10.62 -10.33
C GLY B 30 -18.90 -10.05 -9.52
N LEU B 31 -20.05 -9.98 -10.17
CA LEU B 31 -21.17 -9.21 -9.64
C LEU B 31 -22.13 -10.05 -8.78
N ASN B 32 -21.89 -11.35 -8.62
CA ASN B 32 -22.79 -12.22 -7.87
C ASN B 32 -22.14 -12.55 -6.53
N PRO B 33 -22.58 -11.94 -5.42
CA PRO B 33 -21.84 -12.13 -4.17
C PRO B 33 -21.80 -13.55 -3.67
N HIS B 34 -22.79 -14.38 -4.00
CA HIS B 34 -22.75 -15.76 -3.52
C HIS B 34 -21.75 -16.59 -4.32
N ARG B 35 -21.55 -16.27 -5.60
CA ARG B 35 -20.61 -17.00 -6.44
C ARG B 35 -19.21 -16.40 -6.41
N ASP B 36 -19.11 -15.07 -6.38
CA ASP B 36 -17.89 -14.36 -6.73
C ASP B 36 -17.26 -13.80 -5.46
N ARG B 37 -16.16 -14.40 -5.03
CA ARG B 37 -15.62 -14.11 -3.71
C ARG B 37 -15.05 -12.70 -3.60
N LEU B 38 -15.05 -12.19 -2.37
CA LEU B 38 -14.33 -10.96 -2.07
C LEU B 38 -12.83 -11.17 -2.24
N CYS B 39 -12.17 -10.26 -2.94
CA CYS B 39 -10.75 -10.37 -3.24
C CYS B 39 -9.92 -9.25 -2.66
N VAL B 40 -10.48 -8.04 -2.60
CA VAL B 40 -9.76 -6.85 -2.16
C VAL B 40 -10.75 -5.98 -1.41
N VAL B 41 -10.33 -5.45 -0.26
CA VAL B 41 -11.02 -4.33 0.37
C VAL B 41 -10.09 -3.14 0.32
N GLN B 42 -10.59 -2.00 -0.17
CA GLN B 42 -9.82 -0.78 -0.18
C GLN B 42 -10.52 0.22 0.71
N ILE B 43 -9.72 0.97 1.48
CA ILE B 43 -10.30 1.91 2.45
C ILE B 43 -9.37 3.11 2.56
N SER B 44 -9.99 4.29 2.70
CA SER B 44 -9.22 5.52 2.87
C SER B 44 -9.74 6.31 4.06
N PRO B 45 -8.85 6.89 4.86
CA PRO B 45 -9.28 7.81 5.91
C PRO B 45 -9.78 9.15 5.40
N GLY B 46 -9.65 9.43 4.10
CA GLY B 46 -9.99 10.74 3.57
C GLY B 46 -8.84 11.72 3.56
N ASP B 47 -7.61 11.25 3.82
CA ASP B 47 -6.43 12.10 3.91
C ASP B 47 -5.50 11.94 2.72
N GLY B 48 -6.00 11.41 1.61
CA GLY B 48 -5.15 11.21 0.45
C GLY B 48 -4.30 9.96 0.51
N THR B 49 -4.55 9.07 1.46
CA THR B 49 -3.91 7.77 1.52
C THR B 49 -4.96 6.68 1.39
N ALA B 50 -4.54 5.50 0.97
CA ALA B 50 -5.44 4.38 0.83
C ALA B 50 -4.78 3.10 1.28
N ASP B 51 -5.53 2.27 1.99
CA ASP B 51 -5.13 0.91 2.32
C ASP B 51 -5.80 -0.04 1.32
N VAL B 52 -5.00 -0.91 0.71
CA VAL B 52 -5.52 -1.92 -0.21
C VAL B 52 -5.20 -3.27 0.41
N ILE B 53 -6.26 -4.04 0.73
CA ILE B 53 -6.16 -5.24 1.55
C ILE B 53 -6.52 -6.44 0.69
N GLN B 54 -5.55 -7.31 0.44
CA GLN B 54 -5.83 -8.56 -0.29
C GLN B 54 -6.52 -9.57 0.63
N ILE B 55 -7.67 -10.09 0.17
CA ILE B 55 -8.49 -11.02 0.94
C ILE B 55 -8.28 -12.42 0.38
N GLU B 56 -7.95 -13.37 1.25
CA GLU B 56 -7.67 -14.73 0.81
C GLU B 56 -8.96 -15.47 0.49
N ALA B 57 -8.84 -16.46 -0.39
CA ALA B 57 -9.95 -17.37 -0.63
C ALA B 57 -10.28 -18.08 0.68
N GLY B 58 -11.55 -18.09 1.04
CA GLY B 58 -12.00 -18.72 2.27
C GLY B 58 -11.80 -17.90 3.52
N GLN B 59 -11.29 -16.68 3.41
CA GLN B 59 -11.06 -15.85 4.59
C GLN B 59 -12.37 -15.45 5.24
N LYS B 60 -12.50 -15.72 6.54
CA LYS B 60 -13.75 -15.49 7.24
C LYS B 60 -13.69 -14.33 8.23
N LYS B 61 -12.51 -13.83 8.57
CA LYS B 61 -12.36 -12.80 9.58
C LYS B 61 -11.46 -11.67 9.08
N ALA B 62 -11.73 -10.46 9.58
CA ALA B 62 -10.91 -9.29 9.33
C ALA B 62 -11.19 -8.32 10.47
N PRO B 63 -10.65 -8.59 11.66
CA PRO B 63 -11.19 -7.95 12.87
C PRO B 63 -11.06 -6.44 12.91
N ASN B 64 -9.94 -5.87 12.45
CA ASN B 64 -9.79 -4.42 12.50
C ASN B 64 -10.70 -3.73 11.50
N LEU B 65 -10.77 -4.25 10.27
CA LEU B 65 -11.75 -3.74 9.31
C LEU B 65 -13.16 -3.82 9.88
N VAL B 66 -13.51 -4.96 10.48
CA VAL B 66 -14.87 -5.15 10.98
C VAL B 66 -15.18 -4.17 12.12
N LYS B 67 -14.19 -3.83 12.95
CA LYS B 67 -14.40 -2.82 13.98
C LYS B 67 -14.89 -1.51 13.35
N LEU B 68 -14.29 -1.10 12.23
CA LEU B 68 -14.72 0.11 11.55
C LEU B 68 -16.13 -0.05 11.00
N LEU B 69 -16.43 -1.21 10.40
CA LEU B 69 -17.76 -1.45 9.84
C LEU B 69 -18.83 -1.37 10.91
N LYS B 70 -18.56 -1.93 12.09
CA LYS B 70 -19.54 -1.94 13.19
C LYS B 70 -19.68 -0.59 13.87
N ASP B 71 -18.65 0.26 13.81
CA ASP B 71 -18.59 1.47 14.63
C ASP B 71 -19.65 2.45 14.14
N ARG B 72 -20.73 2.60 14.91
CA ARG B 72 -21.83 3.46 14.48
C ARG B 72 -21.45 4.94 14.50
N SER B 73 -20.33 5.31 15.10
CA SER B 73 -19.86 6.69 15.10
C SER B 73 -19.07 7.04 13.86
N ILE B 74 -18.82 6.09 12.96
CA ILE B 74 -18.03 6.31 11.76
C ILE B 74 -18.94 6.03 10.57
N THR B 75 -19.11 7.03 9.71
CA THR B 75 -19.91 6.85 8.50
C THR B 75 -19.05 6.14 7.46
N LYS B 76 -19.59 5.08 6.88
CA LYS B 76 -18.91 4.38 5.81
C LYS B 76 -19.40 4.94 4.48
N ILE B 77 -18.48 5.53 3.70
CA ILE B 77 -18.79 6.15 2.42
C ILE B 77 -18.50 5.16 1.31
N PHE B 78 -19.47 4.95 0.42
CA PHE B 78 -19.32 4.10 -0.74
C PHE B 78 -19.76 4.84 -1.99
N HIS B 79 -19.31 4.35 -3.15
CA HIS B 79 -19.96 4.67 -4.41
C HIS B 79 -20.69 3.42 -4.88
N PHE B 80 -22.02 3.48 -4.87
CA PHE B 80 -22.90 2.31 -5.03
C PHE B 80 -22.65 1.29 -3.91
N GLY B 81 -22.91 1.74 -2.69
CA GLY B 81 -22.78 0.89 -1.51
C GLY B 81 -23.63 -0.36 -1.55
N ARG B 82 -24.72 -0.35 -2.33
CA ARG B 82 -25.59 -1.53 -2.43
C ARG B 82 -24.77 -2.79 -2.69
N PHE B 83 -23.77 -2.69 -3.57
CA PHE B 83 -22.92 -3.85 -3.87
C PHE B 83 -21.97 -4.14 -2.71
N ASP B 84 -21.20 -3.15 -2.30
CA ASP B 84 -20.13 -3.38 -1.31
C ASP B 84 -20.69 -3.83 0.03
N LEU B 85 -21.84 -3.29 0.43
CA LEU B 85 -22.43 -3.70 1.71
C LEU B 85 -22.79 -5.18 1.68
N ALA B 86 -23.36 -5.65 0.57
CA ALA B 86 -23.69 -7.07 0.47
C ALA B 86 -22.42 -7.92 0.48
N VAL B 87 -21.40 -7.52 -0.27
CA VAL B 87 -20.15 -8.28 -0.32
C VAL B 87 -19.49 -8.35 1.04
N LEU B 88 -19.44 -7.21 1.75
CA LEU B 88 -18.76 -7.19 3.05
C LEU B 88 -19.53 -7.98 4.09
N ALA B 89 -20.86 -7.83 4.12
CA ALA B 89 -21.67 -8.58 5.07
C ALA B 89 -21.55 -10.08 4.82
N HIS B 90 -21.54 -10.47 3.54
CA HIS B 90 -21.41 -11.88 3.20
C HIS B 90 -20.04 -12.44 3.59
N ALA B 91 -19.00 -11.62 3.42
CA ALA B 91 -17.64 -12.10 3.70
C ALA B 91 -17.41 -12.27 5.19
N PHE B 92 -17.78 -11.27 5.99
CA PHE B 92 -17.32 -11.20 7.38
C PHE B 92 -18.44 -11.16 8.41
N GLY B 93 -19.70 -11.08 7.99
CA GLY B 93 -20.81 -11.27 8.90
C GLY B 93 -21.37 -10.02 9.53
N THR B 94 -20.84 -8.85 9.20
CA THR B 94 -21.30 -7.58 9.76
C THR B 94 -21.83 -6.72 8.62
N MET B 95 -23.06 -6.22 8.76
CA MET B 95 -23.61 -5.26 7.80
C MET B 95 -23.16 -3.88 8.22
N PRO B 96 -22.32 -3.20 7.44
CA PRO B 96 -21.82 -1.89 7.87
C PRO B 96 -22.94 -0.86 7.94
N GLN B 97 -22.84 0.01 8.94
CA GLN B 97 -23.71 1.17 9.06
C GLN B 97 -23.10 2.13 10.08
N PRO B 98 -23.43 3.43 10.00
CA PRO B 98 -24.24 4.07 8.97
C PRO B 98 -23.44 4.30 7.71
N VAL B 99 -24.13 4.68 6.63
CA VAL B 99 -23.49 4.76 5.32
C VAL B 99 -23.87 6.05 4.62
N PHE B 100 -23.04 6.44 3.67
CA PHE B 100 -23.33 7.46 2.67
C PHE B 100 -22.99 6.87 1.32
N CYS B 101 -23.89 6.99 0.33
CA CYS B 101 -23.63 6.46 -1.00
C CYS B 101 -23.57 7.60 -2.01
N THR B 102 -22.41 7.77 -2.66
CA THR B 102 -22.26 8.86 -3.62
C THR B 102 -23.06 8.62 -4.89
N LYS B 103 -23.41 7.37 -5.21
CA LYS B 103 -24.20 7.17 -6.41
C LYS B 103 -25.66 7.55 -6.17
N ILE B 104 -26.24 7.13 -5.03
CA ILE B 104 -27.59 7.60 -4.69
C ILE B 104 -27.61 9.12 -4.59
N ALA B 105 -26.61 9.69 -3.92
CA ALA B 105 -26.57 11.15 -3.81
C ALA B 105 -26.49 11.82 -5.18
N SER B 106 -25.71 11.24 -6.10
CA SER B 106 -25.66 11.75 -7.47
C SER B 106 -27.02 11.68 -8.15
N LYS B 107 -27.71 10.54 -8.02
CA LYS B 107 -29.01 10.41 -8.66
C LYS B 107 -30.01 11.40 -8.09
N LEU B 108 -29.86 11.80 -6.83
CA LEU B 108 -30.79 12.75 -6.23
C LEU B 108 -30.41 14.21 -6.46
N THR B 109 -29.26 14.48 -7.12
CA THR B 109 -28.85 15.86 -7.34
C THR B 109 -28.53 16.17 -8.79
N ARG B 110 -27.85 15.25 -9.47
CA ARG B 110 -27.44 15.46 -10.86
C ARG B 110 -28.57 15.00 -11.78
N THR B 111 -29.65 15.76 -11.70
CA THR B 111 -30.90 15.43 -12.38
C THR B 111 -30.85 15.71 -13.87
N TYR B 112 -29.74 16.25 -14.38
CA TYR B 112 -29.57 16.63 -15.78
C TYR B 112 -28.85 15.56 -16.59
N THR B 113 -28.58 14.40 -16.00
CA THR B 113 -27.78 13.38 -16.67
C THR B 113 -28.21 12.01 -16.19
N ASP B 114 -27.95 10.99 -17.01
CA ASP B 114 -28.10 9.61 -16.60
CA ASP B 114 -28.09 9.60 -16.60
C ASP B 114 -26.75 8.94 -16.31
N ARG B 115 -25.67 9.71 -16.31
CA ARG B 115 -24.32 9.19 -16.07
CA ARG B 115 -24.32 9.20 -16.07
C ARG B 115 -23.94 9.47 -14.62
N HIS B 116 -23.99 8.42 -13.80
CA HIS B 116 -23.75 8.54 -12.36
C HIS B 116 -22.60 7.65 -11.90
N GLY B 117 -21.76 7.19 -12.82
CA GLY B 117 -20.63 6.36 -12.43
C GLY B 117 -19.56 7.15 -11.72
N LEU B 118 -18.70 6.43 -11.00
CA LEU B 118 -17.65 7.09 -10.20
C LEU B 118 -16.71 7.91 -11.07
N LYS B 119 -16.26 7.31 -12.18
CA LYS B 119 -15.38 8.04 -13.09
C LYS B 119 -16.02 9.34 -13.54
N GLU B 120 -17.32 9.28 -13.87
CA GLU B 120 -18.02 10.46 -14.37
C GLU B 120 -18.12 11.57 -13.32
N ILE B 121 -18.49 11.21 -12.08
CA ILE B 121 -18.67 12.24 -11.07
C ILE B 121 -17.33 12.75 -10.51
N CYS B 122 -16.28 11.92 -10.55
CA CYS B 122 -14.95 12.45 -10.22
C CYS B 122 -14.55 13.54 -11.20
N SER B 123 -14.77 13.30 -12.49
CA SER B 123 -14.41 14.28 -13.51
C SER B 123 -15.25 15.55 -13.36
N GLU B 124 -16.56 15.41 -13.24
CA GLU B 124 -17.43 16.59 -13.26
C GLU B 124 -17.33 17.38 -11.96
N LEU B 125 -17.33 16.70 -10.81
CA LEU B 125 -17.41 17.39 -9.53
C LEU B 125 -16.05 17.79 -8.98
N LEU B 126 -14.99 17.06 -9.33
CA LEU B 126 -13.66 17.29 -8.77
C LEU B 126 -12.59 17.58 -9.82
N ASP B 127 -12.91 17.43 -11.10
CA ASP B 127 -11.91 17.48 -12.17
C ASP B 127 -10.78 16.49 -11.91
N VAL B 128 -11.16 15.28 -11.48
CA VAL B 128 -10.24 14.20 -11.20
C VAL B 128 -10.48 13.10 -12.23
N SER B 129 -9.40 12.64 -12.85
CA SER B 129 -9.49 11.61 -13.88
C SER B 129 -9.07 10.26 -13.30
N ILE B 130 -9.93 9.26 -13.44
CA ILE B 130 -9.61 7.89 -13.05
C ILE B 130 -9.88 6.95 -14.21
N SER B 131 -9.14 5.86 -14.26
CA SER B 131 -9.18 4.92 -15.38
C SER B 131 -9.83 3.61 -14.93
N LYS B 132 -10.71 3.08 -15.78
CA LYS B 132 -11.41 1.85 -15.46
C LYS B 132 -10.80 0.64 -16.17
N GLN B 133 -9.55 0.74 -16.60
CA GLN B 133 -8.92 -0.35 -17.35
CA GLN B 133 -8.91 -0.35 -17.34
C GLN B 133 -8.87 -1.63 -16.52
N GLN B 134 -8.63 -1.52 -15.22
CA GLN B 134 -8.48 -2.72 -14.38
C GLN B 134 -9.76 -3.12 -13.68
N GLN B 135 -10.88 -2.43 -13.94
CA GLN B 135 -12.14 -2.80 -13.30
C GLN B 135 -12.44 -4.28 -13.50
N SER B 136 -12.32 -4.76 -14.74
CA SER B 136 -12.51 -6.18 -15.08
C SER B 136 -11.13 -6.80 -15.30
N SER B 137 -10.54 -7.28 -14.21
CA SER B 137 -9.26 -7.99 -14.21
C SER B 137 -9.37 -9.13 -13.19
N ASP B 138 -8.36 -9.98 -13.15
CA ASP B 138 -8.40 -11.11 -12.22
C ASP B 138 -8.04 -10.61 -10.82
N TRP B 139 -9.06 -10.20 -10.07
CA TRP B 139 -8.82 -9.68 -8.72
C TRP B 139 -8.42 -10.77 -7.74
N ALA B 140 -8.46 -12.04 -8.13
CA ALA B 140 -8.01 -13.15 -7.29
C ALA B 140 -6.58 -13.57 -7.59
N ALA B 141 -5.83 -12.77 -8.35
CA ALA B 141 -4.46 -13.11 -8.66
C ALA B 141 -3.64 -13.28 -7.38
N GLU B 142 -2.67 -14.20 -7.42
CA GLU B 142 -1.82 -14.43 -6.27
C GLU B 142 -1.09 -13.16 -5.86
N VAL B 143 -0.62 -12.39 -6.83
CA VAL B 143 0.02 -11.11 -6.59
C VAL B 143 -0.70 -10.05 -7.42
N LEU B 144 -1.20 -9.01 -6.75
CA LEU B 144 -1.87 -7.92 -7.46
C LEU B 144 -0.84 -7.04 -8.18
N SER B 145 -1.16 -6.65 -9.40
CA SER B 145 -0.28 -5.76 -10.16
C SER B 145 -0.34 -4.35 -9.58
N GLN B 146 0.70 -3.57 -9.87
CA GLN B 146 0.71 -2.18 -9.42
C GLN B 146 -0.46 -1.41 -10.03
N ALA B 147 -0.84 -1.72 -11.28
CA ALA B 147 -2.02 -1.11 -11.88
C ALA B 147 -3.29 -1.48 -11.13
N GLN B 148 -3.41 -2.74 -10.70
CA GLN B 148 -4.57 -3.13 -9.92
C GLN B 148 -4.62 -2.39 -8.59
N LEU B 149 -3.45 -2.26 -7.93
CA LEU B 149 -3.42 -1.54 -6.66
C LEU B 149 -3.85 -0.10 -6.85
N GLU B 150 -3.40 0.53 -7.93
CA GLU B 150 -3.72 1.93 -8.15
C GLU B 150 -5.17 2.13 -8.56
N TYR B 151 -5.74 1.19 -9.33
CA TYR B 151 -7.18 1.27 -9.60
C TYR B 151 -7.98 1.13 -8.33
N ALA B 152 -7.63 0.15 -7.49
CA ALA B 152 -8.34 -0.06 -6.24
C ALA B 152 -8.26 1.17 -5.35
N ALA B 153 -7.05 1.72 -5.18
CA ALA B 153 -6.87 2.89 -4.31
C ALA B 153 -7.63 4.08 -4.86
N SER B 154 -7.58 4.31 -6.16
CA SER B 154 -8.28 5.46 -6.74
C SER B 154 -9.78 5.39 -6.51
N ASP B 155 -10.34 4.20 -6.30
CA ASP B 155 -11.78 4.08 -6.05
C ASP B 155 -12.19 4.60 -4.68
N VAL B 156 -11.26 4.78 -3.75
CA VAL B 156 -11.61 5.30 -2.42
C VAL B 156 -10.96 6.63 -2.10
N LEU B 157 -9.96 7.07 -2.88
CA LEU B 157 -9.20 8.27 -2.53
C LEU B 157 -10.03 9.55 -2.61
N TYR B 158 -11.14 9.53 -3.33
CA TYR B 158 -11.90 10.74 -3.60
C TYR B 158 -13.31 10.73 -3.01
N LEU B 159 -13.72 9.68 -2.30
CA LEU B 159 -15.11 9.60 -1.89
C LEU B 159 -15.45 10.65 -0.83
N HIS B 160 -14.50 10.98 0.07
CA HIS B 160 -14.77 12.05 1.03
C HIS B 160 -15.05 13.37 0.32
N ARG B 161 -14.23 13.69 -0.69
CA ARG B 161 -14.40 14.94 -1.42
C ARG B 161 -15.71 14.97 -2.18
N LEU B 162 -16.07 13.85 -2.82
CA LEU B 162 -17.36 13.75 -3.51
C LEU B 162 -18.51 13.91 -2.53
N LYS B 163 -18.42 13.27 -1.37
CA LYS B 163 -19.47 13.37 -0.36
C LYS B 163 -19.67 14.82 0.06
N ALA B 164 -18.57 15.55 0.26
CA ALA B 164 -18.69 16.96 0.64
C ALA B 164 -19.45 17.76 -0.42
N VAL B 165 -19.11 17.57 -1.70
CA VAL B 165 -19.81 18.28 -2.78
C VAL B 165 -21.27 17.85 -2.83
N LEU B 166 -21.53 16.54 -2.79
CA LEU B 166 -22.89 16.06 -2.96
C LEU B 166 -23.78 16.41 -1.76
N GLU B 167 -23.22 16.45 -0.55
CA GLU B 167 -23.96 16.93 0.62
C GLU B 167 -24.44 18.35 0.39
N GLN B 168 -23.55 19.21 -0.09
CA GLN B 168 -23.91 20.60 -0.37
C GLN B 168 -24.99 20.68 -1.44
N ARG B 169 -24.89 19.85 -2.49
CA ARG B 169 -25.91 19.85 -3.54
CA ARG B 169 -25.91 19.86 -3.53
C ARG B 169 -27.24 19.35 -3.00
N LEU B 170 -27.22 18.32 -2.15
CA LEU B 170 -28.47 17.82 -1.57
C LEU B 170 -29.15 18.90 -0.76
N GLU B 171 -28.38 19.66 0.02
CA GLU B 171 -29.02 20.72 0.79
CA GLU B 171 -28.97 20.76 0.80
C GLU B 171 -29.48 21.86 -0.12
N ARG B 172 -28.68 22.20 -1.14
CA ARG B 172 -29.05 23.27 -2.06
C ARG B 172 -30.38 22.99 -2.74
N ASP B 173 -30.58 21.75 -3.19
CA ASP B 173 -31.75 21.40 -3.98
C ASP B 173 -32.84 20.73 -3.14
N GLY B 174 -32.65 20.67 -1.83
CA GLY B 174 -33.73 20.38 -0.90
C GLY B 174 -34.04 18.92 -0.68
N ARG B 175 -33.04 18.02 -0.79
CA ARG B 175 -33.32 16.59 -0.74
C ARG B 175 -32.48 15.86 0.31
N THR B 176 -31.94 16.58 1.30
CA THR B 176 -31.11 15.96 2.32
C THR B 176 -31.86 14.87 3.07
N LYS B 177 -33.11 15.16 3.48
CA LYS B 177 -33.87 14.20 4.28
C LYS B 177 -34.17 12.93 3.50
N GLN B 178 -34.53 13.07 2.22
CA GLN B 178 -34.82 11.89 1.42
C GLN B 178 -33.57 11.06 1.18
N ALA B 179 -32.44 11.73 0.90
CA ALA B 179 -31.19 10.97 0.76
C ALA B 179 -30.85 10.24 2.05
N GLU B 180 -31.03 10.88 3.21
CA GLU B 180 -30.69 10.21 4.46
C GLU B 180 -31.56 8.97 4.67
N ALA B 181 -32.83 9.06 4.27
CA ALA B 181 -33.70 7.89 4.39
C ALA B 181 -33.25 6.77 3.46
N CYS B 182 -32.78 7.13 2.27
CA CYS B 182 -32.20 6.13 1.36
C CYS B 182 -30.98 5.48 1.98
N PHE B 183 -30.11 6.27 2.60
CA PHE B 183 -28.92 5.69 3.23
C PHE B 183 -29.31 4.78 4.39
N LYS B 184 -30.37 5.13 5.12
CA LYS B 184 -30.78 4.28 6.22
CA LYS B 184 -30.81 4.29 6.22
C LYS B 184 -31.34 2.96 5.72
N PHE B 185 -32.01 2.96 4.58
CA PHE B 185 -32.56 1.74 4.01
C PHE B 185 -31.51 0.90 3.29
N LEU B 186 -30.43 1.52 2.82
CA LEU B 186 -29.50 0.81 1.94
C LEU B 186 -28.98 -0.50 2.53
N PRO B 187 -28.61 -0.60 3.81
CA PRO B 187 -28.22 -1.92 4.34
C PRO B 187 -29.30 -2.97 4.17
N THR B 188 -30.58 -2.60 4.31
CA THR B 188 -31.64 -3.57 4.08
C THR B 188 -31.74 -3.93 2.60
N ARG B 189 -31.56 -2.95 1.72
CA ARG B 189 -31.56 -3.27 0.29
C ARG B 189 -30.48 -4.31 -0.03
N SER B 190 -29.31 -4.16 0.58
CA SER B 190 -28.23 -5.13 0.36
C SER B 190 -28.57 -6.48 0.99
N GLU B 191 -29.16 -6.47 2.19
CA GLU B 191 -29.61 -7.74 2.78
C GLU B 191 -30.60 -8.45 1.88
N LEU B 192 -31.57 -7.71 1.34
CA LEU B 192 -32.57 -8.34 0.47
C LEU B 192 -31.91 -8.92 -0.77
N ASP B 193 -30.86 -8.26 -1.28
CA ASP B 193 -30.09 -8.83 -2.40
C ASP B 193 -29.49 -10.18 -2.01
N LEU B 194 -28.84 -10.25 -0.85
CA LEU B 194 -28.27 -11.52 -0.40
C LEU B 194 -29.35 -12.58 -0.15
N MET B 195 -30.54 -12.15 0.30
CA MET B 195 -31.59 -13.09 0.63
C MET B 195 -32.31 -13.65 -0.59
N GLY B 196 -32.16 -13.05 -1.77
CA GLY B 196 -32.81 -13.60 -2.95
C GLY B 196 -33.58 -12.63 -3.82
N TRP B 197 -33.60 -11.34 -3.46
CA TRP B 197 -34.36 -10.35 -4.22
C TRP B 197 -33.45 -9.41 -5.02
N ALA B 198 -32.24 -9.86 -5.39
CA ALA B 198 -31.32 -8.96 -6.08
C ALA B 198 -31.89 -8.43 -7.38
N GLU B 199 -32.78 -9.20 -8.03
CA GLU B 199 -33.34 -8.81 -9.32
C GLU B 199 -34.71 -8.16 -9.20
N SER B 200 -35.13 -7.80 -7.99
CA SER B 200 -36.46 -7.24 -7.76
C SER B 200 -36.39 -5.90 -7.06
N ASP B 201 -37.19 -4.95 -7.56
CA ASP B 201 -37.47 -3.71 -6.82
C ASP B 201 -38.60 -4.03 -5.86
N ILE B 202 -38.27 -4.11 -4.55
CA ILE B 202 -39.28 -4.53 -3.59
C ILE B 202 -40.41 -3.51 -3.49
N PHE B 203 -40.20 -2.27 -3.94
CA PHE B 203 -41.24 -1.25 -3.86
C PHE B 203 -42.10 -1.16 -5.12
N ALA B 204 -41.81 -1.96 -6.14
CA ALA B 204 -42.60 -1.90 -7.36
C ALA B 204 -43.98 -2.52 -7.16
N HIS B 205 -44.95 -2.03 -7.94
CA HIS B 205 -46.30 -2.60 -7.90
C HIS B 205 -46.31 -4.04 -8.36
N SER B 206 -45.57 -4.36 -9.42
CA SER B 206 -45.51 -5.72 -9.92
C SER B 206 -44.25 -5.90 -10.75
S SO4 D . 23.53 -7.33 -5.61
O1 SO4 D . 22.46 -6.76 -6.44
O2 SO4 D . 24.15 -6.27 -4.81
O3 SO4 D . 23.00 -8.35 -4.69
O4 SO4 D . 24.54 -7.94 -6.48
S SO4 E . 34.83 16.47 -5.44
O1 SO4 E . 33.84 17.01 -4.53
O2 SO4 E . 35.61 17.57 -6.00
O3 SO4 E . 35.69 15.56 -4.70
O4 SO4 E . 34.16 15.77 -6.54
S SO4 F . 1.02 -7.40 5.74
O1 SO4 F . -0.39 -7.08 5.82
O2 SO4 F . 1.81 -6.28 6.27
O3 SO4 F . 1.29 -8.59 6.53
O4 SO4 F . 1.42 -7.63 4.34
S SO4 G . -9.76 -16.74 8.62
O1 SO4 G . -9.65 -15.29 8.70
O2 SO4 G . -9.92 -17.29 9.97
O3 SO4 G . -10.91 -17.11 7.79
O4 SO4 G . -8.55 -17.28 8.02
S SO4 H . -6.19 16.22 -7.05
O1 SO4 H . -7.40 17.01 -7.26
O2 SO4 H . -5.14 17.07 -6.49
O3 SO4 H . -6.44 15.11 -6.12
O4 SO4 H . -5.76 15.66 -8.33
S SO4 I . -10.39 4.21 -19.29
O1 SO4 I . -11.24 4.62 -18.17
O2 SO4 I . -9.01 4.63 -19.06
O3 SO4 I . -10.45 2.76 -19.46
O4 SO4 I . -10.88 4.85 -20.51
#